data_3I47
#
_entry.id   3I47
#
_cell.length_a   124.596
_cell.length_b   124.596
_cell.length_c   150.395
_cell.angle_alpha   90.000
_cell.angle_beta   90.000
_cell.angle_gamma   120.000
#
_symmetry.space_group_name_H-M   'H 3 2'
#
loop_
_entity.id
_entity.type
_entity.pdbx_description
1 polymer 'Enoyl CoA hydratase/isomerase (Crotonase)'
2 water water
#
_entity_poly.entity_id   1
_entity_poly.type   'polypeptide(L)'
_entity_poly.pdbx_seq_one_letter_code
;MSLSDLLYEIQDKVGLLTMNRISKHNAFDNQLLTEMRIRLDSAINDTNVRVIVLKANGKHFSAGADLTWMQSMANFTEEE
NLEDSLVLGNLMYSISQSPKPTIAMVQGAAFGGGAGLAAACDIAIASTSARFCFSEVKLGLIPAVISPYVVRAIGERAAK
MLFMSAEVFDATRAYSLNLVQHCVPDDTLLEFTLKYASQISNNAPEAVKNSKQLAQYVANKKIDEELVRYTASLIAHKRV
SDEGQEGLKAFLNKEIPNWNEGHHHHHH
;
_entity_poly.pdbx_strand_id   A
#
# COMPACT_ATOMS: atom_id res chain seq x y z
N SER A 2 13.01 22.64 -8.74
CA SER A 2 11.92 21.66 -9.02
C SER A 2 11.91 20.54 -7.98
N LEU A 3 10.73 20.23 -7.45
CA LEU A 3 10.55 19.06 -6.59
C LEU A 3 10.41 17.83 -7.48
N SER A 4 11.51 17.10 -7.66
CA SER A 4 11.54 16.02 -8.64
C SER A 4 11.75 14.64 -8.04
N ASP A 5 12.03 14.56 -6.73
CA ASP A 5 12.25 13.25 -6.09
C ASP A 5 10.97 12.43 -5.93
N LEU A 6 9.85 13.11 -5.71
CA LEU A 6 8.58 12.45 -5.55
C LEU A 6 7.53 13.24 -6.31
N LEU A 7 6.95 12.62 -7.33
CA LEU A 7 5.95 13.25 -8.16
C LEU A 7 4.56 12.96 -7.61
N TYR A 8 3.64 13.89 -7.80
CA TYR A 8 2.27 13.72 -7.35
C TYR A 8 1.31 14.31 -8.37
N GLU A 9 0.39 13.48 -8.86
CA GLU A 9 -0.65 13.96 -9.78
C GLU A 9 -1.94 13.17 -9.59
N ILE A 10 -3.05 13.78 -10.01
CA ILE A 10 -4.36 13.14 -9.95
C ILE A 10 -4.88 12.92 -11.38
N GLN A 11 -5.29 11.69 -11.68
CA GLN A 11 -5.94 11.33 -12.94
C GLN A 11 -7.23 10.57 -12.65
N ASP A 12 -8.37 11.03 -13.19
CA ASP A 12 -9.63 10.26 -13.07
C ASP A 12 -9.87 9.66 -11.67
N LYS A 13 -9.79 10.52 -10.66
CA LYS A 13 -10.02 10.19 -9.25
C LYS A 13 -8.98 9.26 -8.62
N VAL A 14 -7.86 9.07 -9.32
CA VAL A 14 -6.74 8.30 -8.78
C VAL A 14 -5.56 9.24 -8.45
N GLY A 15 -5.15 9.25 -7.19
CA GLY A 15 -3.96 10.01 -6.79
C GLY A 15 -2.74 9.14 -6.98
N LEU A 16 -1.75 9.65 -7.70
CA LEU A 16 -0.56 8.88 -8.06
C LEU A 16 0.67 9.50 -7.41
N LEU A 17 1.31 8.77 -6.51
CA LEU A 17 2.60 9.18 -5.93
C LEU A 17 3.67 8.37 -6.61
N THR A 18 4.62 9.04 -7.24
CA THR A 18 5.68 8.34 -7.97
C THR A 18 7.08 8.66 -7.42
N MET A 19 7.73 7.64 -6.86
CA MET A 19 9.13 7.77 -6.44
C MET A 19 9.99 7.96 -7.69
N ASN A 20 10.79 9.03 -7.69
CA ASN A 20 11.43 9.46 -8.93
C ASN A 20 12.93 9.73 -8.75
N ARG A 21 13.55 9.05 -7.78
CA ARG A 21 15.02 9.09 -7.65
C ARG A 21 15.64 8.03 -8.54
N ILE A 22 15.57 8.26 -9.85
CA ILE A 22 15.95 7.25 -10.83
C ILE A 22 17.42 6.84 -10.70
N SER A 23 18.32 7.80 -10.57
CA SER A 23 19.75 7.50 -10.51
C SER A 23 20.15 6.74 -9.25
N LYS A 24 19.38 6.91 -8.17
CA LYS A 24 19.64 6.26 -6.89
C LYS A 24 18.73 5.04 -6.67
N HIS A 25 17.98 4.65 -7.70
CA HIS A 25 17.07 3.49 -7.63
C HIS A 25 16.09 3.59 -6.47
N ASN A 26 15.63 4.82 -6.18
CA ASN A 26 14.64 5.05 -5.13
C ASN A 26 15.05 4.51 -3.77
N ALA A 27 16.36 4.56 -3.50
CA ALA A 27 16.87 4.13 -2.19
C ALA A 27 16.33 5.07 -1.11
N PHE A 28 15.87 4.49 -0.02
CA PHE A 28 15.15 5.22 1.02
C PHE A 28 16.05 6.07 1.93
N ASP A 29 15.56 7.24 2.29
CA ASP A 29 16.08 8.00 3.42
C ASP A 29 14.93 8.77 4.07
N ASN A 30 15.21 9.46 5.17
CA ASN A 30 14.14 10.13 5.91
C ASN A 30 13.53 11.30 5.13
N GLN A 31 14.32 11.91 4.23
CA GLN A 31 13.81 13.03 3.41
C GLN A 31 12.77 12.54 2.39
N LEU A 32 13.11 11.49 1.63
CA LEU A 32 12.18 10.96 0.65
C LEU A 32 10.89 10.48 1.35
N LEU A 33 11.06 9.78 2.47
CA LEU A 33 9.88 9.25 3.18
C LEU A 33 9.01 10.36 3.77
N THR A 34 9.61 11.47 4.17
CA THR A 34 8.84 12.62 4.64
C THR A 34 8.01 13.22 3.50
N GLU A 35 8.61 13.35 2.31
CA GLU A 35 7.86 13.78 1.12
C GLU A 35 6.66 12.88 0.88
N MET A 36 6.88 11.58 0.97
CA MET A 36 5.80 10.61 0.78
C MET A 36 4.68 10.80 1.79
N ARG A 37 5.03 11.02 3.05
CA ARG A 37 4.02 11.27 4.10
C ARG A 37 3.14 12.46 3.75
N ILE A 38 3.76 13.56 3.33
CA ILE A 38 3.02 14.78 3.02
C ILE A 38 2.09 14.57 1.84
N ARG A 39 2.60 14.01 0.76
CA ARG A 39 1.76 13.78 -0.43
C ARG A 39 0.64 12.79 -0.14
N LEU A 40 0.93 11.75 0.63
CA LEU A 40 -0.10 10.79 1.01
C LEU A 40 -1.21 11.46 1.80
N ASP A 41 -0.83 12.29 2.77
CA ASP A 41 -1.79 13.05 3.57
C ASP A 41 -2.69 13.91 2.68
N SER A 42 -2.09 14.58 1.71
CA SER A 42 -2.85 15.40 0.76
C SER A 42 -3.88 14.55 0.01
N ALA A 43 -3.44 13.39 -0.49
CA ALA A 43 -4.33 12.52 -1.27
C ALA A 43 -5.46 11.97 -0.41
N ILE A 44 -5.14 11.59 0.82
CA ILE A 44 -6.15 11.05 1.75
C ILE A 44 -7.22 12.09 2.05
N ASN A 45 -6.83 13.36 2.10
CA ASN A 45 -7.74 14.44 2.47
C ASN A 45 -8.36 15.18 1.28
N ASP A 46 -8.01 14.77 0.07
CA ASP A 46 -8.53 15.38 -1.16
C ASP A 46 -9.80 14.66 -1.63
N THR A 47 -10.93 15.37 -1.58
CA THR A 47 -12.21 14.77 -2.00
C THR A 47 -12.23 14.40 -3.49
N ASN A 48 -11.30 14.94 -4.27
CA ASN A 48 -11.16 14.59 -5.69
C ASN A 48 -10.47 13.24 -5.93
N VAL A 49 -9.92 12.66 -4.86
CA VAL A 49 -9.21 11.38 -4.95
C VAL A 49 -10.03 10.28 -4.29
N ARG A 50 -10.25 9.18 -5.01
CA ARG A 50 -10.90 8.00 -4.47
C ARG A 50 -9.92 6.87 -4.21
N VAL A 51 -8.88 6.76 -5.04
CA VAL A 51 -7.93 5.64 -4.95
C VAL A 51 -6.52 6.22 -4.96
N ILE A 52 -5.64 5.65 -4.15
CA ILE A 52 -4.25 6.11 -4.08
C ILE A 52 -3.31 5.02 -4.59
N VAL A 53 -2.40 5.41 -5.49
CA VAL A 53 -1.39 4.50 -6.03
C VAL A 53 0.02 4.99 -5.66
N LEU A 54 0.81 4.09 -5.08
CA LEU A 54 2.25 4.33 -4.89
C LEU A 54 3.01 3.57 -5.96
N LYS A 55 3.79 4.28 -6.76
CA LYS A 55 4.55 3.65 -7.84
C LYS A 55 5.91 4.30 -7.95
N ALA A 56 6.68 3.89 -8.95
CA ALA A 56 8.06 4.33 -9.05
C ALA A 56 8.49 4.41 -10.50
N ASN A 57 9.39 5.35 -10.79
CA ASN A 57 10.09 5.41 -12.07
C ASN A 57 11.46 4.76 -11.95
N GLY A 58 12.11 4.54 -13.09
CA GLY A 58 13.41 3.91 -13.13
C GLY A 58 13.34 2.39 -13.06
N LYS A 59 14.49 1.77 -12.82
CA LYS A 59 14.63 0.32 -12.85
C LYS A 59 13.94 -0.37 -11.68
N HIS A 60 13.91 0.29 -10.53
CA HIS A 60 13.54 -0.37 -9.27
C HIS A 60 12.57 0.42 -8.43
N PHE A 61 11.59 -0.28 -7.87
CA PHE A 61 10.67 0.31 -6.91
C PHE A 61 11.45 0.94 -5.74
N SER A 62 12.29 0.14 -5.09
CA SER A 62 13.29 0.67 -4.16
C SER A 62 14.38 -0.35 -3.93
N ALA A 63 15.61 -0.02 -4.34
CA ALA A 63 16.72 -0.97 -4.24
C ALA A 63 17.24 -1.23 -2.82
N GLY A 64 16.78 -0.43 -1.85
CA GLY A 64 17.26 -0.53 -0.48
C GLY A 64 17.36 0.83 0.18
N ALA A 65 18.29 0.95 1.12
CA ALA A 65 18.49 2.21 1.84
C ALA A 65 19.55 3.03 1.14
N ASP A 66 19.36 4.35 1.15
CA ASP A 66 20.33 5.27 0.56
C ASP A 66 21.65 5.22 1.34
N LEU A 67 22.76 5.16 0.60
CA LEU A 67 24.08 4.95 1.21
C LEU A 67 24.55 6.14 2.04
N THR A 68 24.21 7.35 1.61
CA THR A 68 24.55 8.54 2.41
C THR A 68 23.78 8.52 3.73
N TRP A 69 22.48 8.23 3.66
CA TRP A 69 21.69 8.10 4.86
C TRP A 69 22.22 6.97 5.76
N MET A 70 22.60 5.84 5.18
CA MET A 70 23.10 4.73 5.98
C MET A 70 24.33 5.12 6.79
N GLN A 71 25.25 5.85 6.15
CA GLN A 71 26.43 6.31 6.87
C GLN A 71 26.06 7.27 8.01
N SER A 72 25.10 8.15 7.76
CA SER A 72 24.63 9.07 8.79
C SER A 72 24.00 8.29 9.94
N MET A 73 23.12 7.35 9.60
CA MET A 73 22.40 6.56 10.60
C MET A 73 23.33 5.69 11.46
N ALA A 74 24.41 5.18 10.87
CA ALA A 74 25.39 4.38 11.62
C ALA A 74 25.94 5.14 12.81
N ASN A 75 25.96 6.47 12.71
CA ASN A 75 26.50 7.33 13.77
C ASN A 75 25.43 7.91 14.70
N PHE A 76 24.16 7.63 14.44
CA PHE A 76 23.09 8.09 15.32
C PHE A 76 23.12 7.45 16.71
N THR A 77 22.72 8.23 17.71
CA THR A 77 22.41 7.69 19.03
C THR A 77 21.09 6.91 18.97
N GLU A 78 20.77 6.19 20.04
CA GLU A 78 19.52 5.43 20.09
C GLU A 78 18.31 6.36 19.95
N GLU A 79 18.36 7.51 20.62
CA GLU A 79 17.25 8.47 20.55
CA GLU A 79 17.31 8.52 20.58
C GLU A 79 17.11 9.07 19.15
N GLU A 80 18.23 9.35 18.47
CA GLU A 80 18.21 9.83 17.09
C GLU A 80 17.65 8.77 16.15
N ASN A 81 18.02 7.51 16.41
CA ASN A 81 17.46 6.40 15.65
C ASN A 81 15.96 6.21 15.82
N LEU A 82 15.46 6.44 17.03
CA LEU A 82 14.02 6.36 17.28
C LEU A 82 13.26 7.39 16.43
N GLU A 83 13.72 8.64 16.47
CA GLU A 83 13.12 9.72 15.67
CA GLU A 83 13.09 9.70 15.68
C GLU A 83 13.17 9.37 14.19
N ASP A 84 14.33 8.93 13.72
CA ASP A 84 14.50 8.57 12.32
C ASP A 84 13.55 7.41 11.93
N SER A 85 13.48 6.38 12.75
CA SER A 85 12.66 5.20 12.44
C SER A 85 11.18 5.53 12.43
N LEU A 86 10.77 6.53 13.20
CA LEU A 86 9.38 6.94 13.24
C LEU A 86 8.92 7.64 11.95
N VAL A 87 9.85 8.08 11.11
CA VAL A 87 9.48 8.61 9.79
C VAL A 87 8.83 7.49 8.97
N LEU A 88 9.56 6.40 8.77
CA LEU A 88 8.98 5.20 8.10
C LEU A 88 7.78 4.68 8.88
N GLY A 89 7.91 4.62 10.21
CA GLY A 89 6.81 4.13 11.05
C GLY A 89 5.52 4.91 10.85
N ASN A 90 5.60 6.23 10.84
CA ASN A 90 4.41 7.04 10.59
C ASN A 90 3.88 6.93 9.18
N LEU A 91 4.78 6.81 8.20
CA LEU A 91 4.36 6.61 6.81
C LEU A 91 3.56 5.32 6.66
N MET A 92 4.10 4.23 7.17
CA MET A 92 3.41 2.94 7.01
CA MET A 92 3.43 2.91 7.06
C MET A 92 2.08 2.95 7.76
N TYR A 93 2.05 3.55 8.94
CA TYR A 93 0.82 3.64 9.71
C TYR A 93 -0.22 4.43 8.93
N SER A 94 0.20 5.59 8.40
CA SER A 94 -0.69 6.43 7.63
C SER A 94 -1.27 5.72 6.40
N ILE A 95 -0.43 4.94 5.71
CA ILE A 95 -0.92 4.15 4.56
C ILE A 95 -2.00 3.18 5.06
N SER A 96 -1.70 2.46 6.14
CA SER A 96 -2.61 1.41 6.64
C SER A 96 -3.94 1.97 7.15
N GLN A 97 -3.90 3.21 7.62
CA GLN A 97 -5.08 3.90 8.15
C GLN A 97 -5.92 4.63 7.11
N SER A 98 -5.45 4.69 5.86
CA SER A 98 -6.22 5.33 4.79
C SER A 98 -7.61 4.72 4.67
N PRO A 99 -8.66 5.54 4.71
CA PRO A 99 -10.00 4.99 4.46
C PRO A 99 -10.20 4.66 2.99
N LYS A 100 -9.42 5.30 2.12
CA LYS A 100 -9.46 5.06 0.67
C LYS A 100 -8.59 3.85 0.28
N PRO A 101 -8.98 3.14 -0.80
CA PRO A 101 -8.14 2.03 -1.30
C PRO A 101 -6.73 2.49 -1.65
N THR A 102 -5.75 1.68 -1.26
CA THR A 102 -4.35 1.97 -1.57
C THR A 102 -3.73 0.82 -2.37
N ILE A 103 -2.93 1.18 -3.37
CA ILE A 103 -2.35 0.20 -4.30
C ILE A 103 -0.87 0.51 -4.44
N ALA A 104 -0.03 -0.51 -4.27
CA ALA A 104 1.42 -0.40 -4.59
C ALA A 104 1.70 -1.06 -5.92
N MET A 105 2.46 -0.38 -6.78
CA MET A 105 2.79 -0.89 -8.13
C MET A 105 4.30 -1.09 -8.13
N VAL A 106 4.73 -2.35 -8.23
CA VAL A 106 6.14 -2.67 -7.99
C VAL A 106 6.82 -3.27 -9.22
N GLN A 107 7.86 -2.59 -9.70
CA GLN A 107 8.75 -3.08 -10.74
C GLN A 107 10.15 -3.30 -10.16
N GLY A 108 10.90 -4.21 -10.74
CA GLY A 108 12.29 -4.42 -10.30
C GLY A 108 12.40 -4.76 -8.82
N ALA A 109 13.49 -4.31 -8.20
CA ALA A 109 13.75 -4.63 -6.80
C ALA A 109 12.93 -3.80 -5.82
N ALA A 110 12.34 -4.47 -4.83
CA ALA A 110 11.72 -3.81 -3.68
C ALA A 110 12.37 -4.45 -2.47
N PHE A 111 13.47 -3.86 -2.03
CA PHE A 111 14.31 -4.42 -0.96
C PHE A 111 14.20 -3.56 0.29
N GLY A 112 13.86 -4.17 1.42
CA GLY A 112 13.83 -3.44 2.69
C GLY A 112 12.53 -2.69 2.88
N GLY A 113 12.65 -1.40 3.22
CA GLY A 113 11.46 -0.57 3.40
C GLY A 113 10.46 -0.63 2.26
N GLY A 114 10.96 -0.66 1.01
CA GLY A 114 10.10 -0.71 -0.17
C GLY A 114 9.19 -1.93 -0.20
N ALA A 115 9.73 -3.08 0.21
CA ALA A 115 8.92 -4.30 0.31
C ALA A 115 7.82 -4.12 1.36
N GLY A 116 8.14 -3.38 2.42
CA GLY A 116 7.14 -3.07 3.43
C GLY A 116 6.00 -2.22 2.88
N LEU A 117 6.30 -1.25 2.02
CA LEU A 117 5.25 -0.42 1.45
C LEU A 117 4.19 -1.25 0.72
N ALA A 118 4.64 -2.27 -0.02
CA ALA A 118 3.73 -3.18 -0.71
C ALA A 118 2.79 -3.86 0.28
N ALA A 119 3.31 -4.27 1.44
CA ALA A 119 2.49 -4.91 2.46
C ALA A 119 1.52 -3.96 3.17
N ALA A 120 1.90 -2.68 3.31
CA ALA A 120 1.06 -1.71 4.01
C ALA A 120 -0.15 -1.31 3.18
N CYS A 121 0.03 -1.32 1.87
CA CYS A 121 -1.07 -1.01 0.94
C CYS A 121 -2.10 -2.13 0.94
N ASP A 122 -3.33 -1.82 0.56
CA ASP A 122 -4.37 -2.86 0.48
C ASP A 122 -4.03 -3.89 -0.58
N ILE A 123 -3.49 -3.41 -1.70
CA ILE A 123 -3.29 -4.22 -2.89
C ILE A 123 -1.91 -3.92 -3.43
N ALA A 124 -1.18 -4.95 -3.85
CA ALA A 124 0.10 -4.75 -4.53
C ALA A 124 0.08 -5.50 -5.86
N ILE A 125 0.58 -4.82 -6.89
CA ILE A 125 0.63 -5.33 -8.25
C ILE A 125 2.11 -5.33 -8.63
N ALA A 126 2.62 -6.48 -9.06
CA ALA A 126 4.03 -6.61 -9.43
C ALA A 126 4.19 -6.96 -10.89
N SER A 127 5.24 -6.44 -11.52
CA SER A 127 5.66 -6.92 -12.82
C SER A 127 6.30 -8.30 -12.64
N THR A 128 6.33 -9.09 -13.69
CA THR A 128 6.86 -10.46 -13.60
C THR A 128 8.33 -10.47 -13.16
N SER A 129 9.05 -9.39 -13.45
CA SER A 129 10.47 -9.30 -13.14
C SER A 129 10.77 -8.71 -11.75
N ALA A 130 9.73 -8.34 -11.00
CA ALA A 130 9.91 -7.76 -9.64
C ALA A 130 10.54 -8.78 -8.68
N ARG A 131 11.35 -8.27 -7.75
CA ARG A 131 11.95 -9.14 -6.72
CA ARG A 131 12.04 -9.09 -6.76
C ARG A 131 11.88 -8.43 -5.39
N PHE A 132 11.78 -9.23 -4.32
CA PHE A 132 11.60 -8.69 -2.98
C PHE A 132 12.63 -9.27 -2.03
N CYS A 133 12.93 -8.52 -0.97
CA CYS A 133 13.86 -9.01 0.04
C CYS A 133 13.74 -8.23 1.34
N PHE A 134 13.72 -8.95 2.46
CA PHE A 134 13.88 -8.34 3.78
C PHE A 134 15.32 -8.58 4.23
N SER A 135 16.20 -7.63 3.89
CA SER A 135 17.65 -7.86 3.95
C SER A 135 18.30 -7.55 5.30
N GLU A 136 17.52 -7.07 6.26
CA GLU A 136 18.07 -6.47 7.50
C GLU A 136 19.02 -7.34 8.30
N VAL A 137 18.74 -8.64 8.40
CA VAL A 137 19.60 -9.50 9.23
C VAL A 137 21.03 -9.62 8.68
N LYS A 138 21.21 -9.33 7.40
CA LYS A 138 22.55 -9.36 6.79
C LYS A 138 23.42 -8.24 7.35
N LEU A 139 22.77 -7.19 7.84
CA LEU A 139 23.45 -6.02 8.42
C LEU A 139 23.43 -6.03 9.94
N GLY A 140 22.99 -7.15 10.52
CA GLY A 140 22.82 -7.19 11.96
C GLY A 140 21.64 -6.36 12.45
N LEU A 141 20.68 -6.09 11.56
CA LEU A 141 19.50 -5.33 11.93
C LEU A 141 18.25 -6.21 11.84
N ILE A 142 17.08 -5.63 12.12
CA ILE A 142 15.82 -6.38 12.07
C ILE A 142 14.80 -5.53 11.35
N PRO A 143 13.87 -6.16 10.63
CA PRO A 143 12.83 -5.42 9.89
C PRO A 143 11.67 -5.04 10.81
N ALA A 144 11.97 -4.26 11.86
CA ALA A 144 11.01 -4.05 12.94
C ALA A 144 9.79 -3.24 12.49
N VAL A 145 10.05 -2.11 11.85
CA VAL A 145 8.95 -1.20 11.52
C VAL A 145 7.97 -1.79 10.49
N ILE A 146 8.51 -2.50 9.48
CA ILE A 146 7.63 -3.06 8.47
C ILE A 146 6.95 -4.35 8.93
N SER A 147 7.46 -4.95 10.01
CA SER A 147 7.01 -6.29 10.36
C SER A 147 5.50 -6.48 10.58
N PRO A 148 4.81 -5.56 11.28
CA PRO A 148 3.38 -5.85 11.47
C PRO A 148 2.62 -5.98 10.15
N TYR A 149 2.98 -5.16 9.17
CA TYR A 149 2.31 -5.16 7.87
C TYR A 149 2.68 -6.40 7.07
N VAL A 150 3.95 -6.79 7.10
CA VAL A 150 4.38 -7.98 6.39
C VAL A 150 3.72 -9.23 7.00
N VAL A 151 3.74 -9.33 8.32
CA VAL A 151 3.14 -10.51 8.98
C VAL A 151 1.64 -10.57 8.68
N ARG A 152 0.96 -9.42 8.68
CA ARG A 152 -0.47 -9.39 8.32
C ARG A 152 -0.70 -9.88 6.89
N ALA A 153 0.15 -9.43 5.96
CA ALA A 153 -0.02 -9.73 4.54
C ALA A 153 0.24 -11.19 4.17
N ILE A 154 1.33 -11.75 4.69
CA ILE A 154 1.80 -13.08 4.24
C ILE A 154 1.75 -14.13 5.34
N GLY A 155 1.42 -13.72 6.55
CA GLY A 155 1.34 -14.64 7.69
C GLY A 155 2.68 -14.78 8.41
N GLU A 156 2.58 -15.14 9.69
CA GLU A 156 3.74 -15.33 10.56
C GLU A 156 4.76 -16.33 10.02
N ARG A 157 4.29 -17.48 9.50
CA ARG A 157 5.18 -18.55 9.06
C ARG A 157 6.13 -18.06 7.95
N ALA A 158 5.55 -17.46 6.90
CA ALA A 158 6.35 -17.04 5.76
C ALA A 158 7.21 -15.84 6.12
N ALA A 159 6.63 -14.93 6.91
CA ALA A 159 7.36 -13.72 7.30
C ALA A 159 8.59 -14.08 8.13
N LYS A 160 8.40 -14.96 9.11
CA LYS A 160 9.50 -15.40 9.97
C LYS A 160 10.62 -15.99 9.11
N MET A 161 10.27 -16.87 8.16
CA MET A 161 11.26 -17.46 7.26
C MET A 161 12.05 -16.40 6.53
N LEU A 162 11.34 -15.49 5.87
CA LEU A 162 12.01 -14.53 5.00
C LEU A 162 12.81 -13.50 5.78
N PHE A 163 12.36 -13.18 7.00
CA PHE A 163 13.15 -12.28 7.88
C PHE A 163 14.46 -12.97 8.30
N MET A 164 14.39 -14.25 8.65
CA MET A 164 15.56 -14.97 9.15
C MET A 164 16.58 -15.25 8.04
N SER A 165 16.10 -15.51 6.83
CA SER A 165 16.98 -15.91 5.74
C SER A 165 17.53 -14.72 4.95
N ALA A 166 16.77 -13.62 4.92
CA ALA A 166 17.05 -12.48 4.04
C ALA A 166 17.16 -12.89 2.57
N GLU A 167 16.48 -13.98 2.20
CA GLU A 167 16.52 -14.44 0.82
C GLU A 167 15.73 -13.51 -0.10
N VAL A 168 16.18 -13.43 -1.34
CA VAL A 168 15.43 -12.72 -2.39
C VAL A 168 14.35 -13.65 -2.90
N PHE A 169 13.13 -13.12 -3.04
CA PHE A 169 12.04 -13.91 -3.61
C PHE A 169 11.41 -13.19 -4.78
N ASP A 170 11.05 -13.96 -5.81
CA ASP A 170 10.55 -13.36 -7.04
C ASP A 170 9.07 -12.99 -7.00
N ALA A 171 8.57 -12.39 -8.07
CA ALA A 171 7.20 -11.89 -8.12
C ALA A 171 6.20 -13.04 -8.01
N THR A 172 6.50 -14.18 -8.64
CA THR A 172 5.63 -15.36 -8.51
C THR A 172 5.51 -15.84 -7.06
N ARG A 173 6.64 -15.84 -6.36
CA ARG A 173 6.65 -16.20 -4.94
C ARG A 173 5.88 -15.16 -4.10
N ALA A 174 6.09 -13.88 -4.38
CA ALA A 174 5.34 -12.84 -3.67
C ALA A 174 3.83 -12.99 -3.89
N TYR A 175 3.46 -13.39 -5.10
CA TYR A 175 2.05 -13.64 -5.44
C TYR A 175 1.49 -14.85 -4.69
N SER A 176 2.26 -15.95 -4.65
CA SER A 176 1.77 -17.16 -3.98
C SER A 176 1.65 -16.95 -2.47
N LEU A 177 2.44 -16.01 -1.93
CA LEU A 177 2.37 -15.68 -0.51
C LEU A 177 1.35 -14.60 -0.16
N ASN A 178 0.73 -14.02 -1.18
CA ASN A 178 -0.27 -12.96 -1.03
C ASN A 178 0.33 -11.59 -0.67
N LEU A 179 1.65 -11.42 -0.80
CA LEU A 179 2.22 -10.07 -0.68
C LEU A 179 1.72 -9.24 -1.85
N VAL A 180 1.75 -9.82 -3.04
CA VAL A 180 1.13 -9.18 -4.20
C VAL A 180 -0.06 -10.01 -4.65
N GLN A 181 -1.07 -9.33 -5.19
CA GLN A 181 -2.30 -10.00 -5.64
C GLN A 181 -2.46 -10.08 -7.14
N HIS A 182 -1.56 -9.41 -7.88
CA HIS A 182 -1.53 -9.44 -9.33
C HIS A 182 -0.10 -9.42 -9.80
N CYS A 183 0.19 -10.24 -10.81
CA CYS A 183 1.52 -10.33 -11.37
C CYS A 183 1.32 -10.23 -12.88
N VAL A 184 1.85 -9.17 -13.48
CA VAL A 184 1.49 -8.77 -14.84
C VAL A 184 2.74 -8.49 -15.69
N PRO A 185 2.62 -8.50 -17.03
CA PRO A 185 3.78 -8.30 -17.88
C PRO A 185 4.51 -6.98 -17.62
N ASP A 186 5.84 -7.03 -17.64
CA ASP A 186 6.68 -5.86 -17.37
C ASP A 186 6.29 -4.59 -18.13
N ASP A 187 6.10 -4.71 -19.44
CA ASP A 187 5.96 -3.52 -20.27
C ASP A 187 4.58 -2.90 -20.18
N THR A 188 3.65 -3.59 -19.52
CA THR A 188 2.30 -3.02 -19.33
C THR A 188 1.86 -2.89 -17.87
N LEU A 189 2.83 -2.86 -16.96
CA LEU A 189 2.55 -2.72 -15.54
C LEU A 189 1.76 -1.44 -15.25
N LEU A 190 2.23 -0.32 -15.79
CA LEU A 190 1.55 0.96 -15.59
C LEU A 190 0.13 0.94 -16.14
N GLU A 191 -0.01 0.49 -17.38
CA GLU A 191 -1.32 0.46 -18.02
C GLU A 191 -2.30 -0.42 -17.23
N PHE A 192 -1.85 -1.60 -16.81
CA PHE A 192 -2.68 -2.48 -15.99
C PHE A 192 -3.13 -1.78 -14.69
N THR A 193 -2.17 -1.17 -14.01
CA THR A 193 -2.41 -0.54 -12.72
C THR A 193 -3.38 0.63 -12.84
N LEU A 194 -3.19 1.49 -13.84
CA LEU A 194 -4.08 2.64 -14.01
C LEU A 194 -5.53 2.20 -14.29
N LYS A 195 -5.68 1.16 -15.12
CA LYS A 195 -7.01 0.66 -15.43
C LYS A 195 -7.67 0.01 -14.23
N TYR A 196 -6.89 -0.73 -13.46
CA TYR A 196 -7.40 -1.43 -12.29
C TYR A 196 -7.81 -0.43 -11.22
N ALA A 197 -6.99 0.60 -11.01
CA ALA A 197 -7.29 1.66 -10.05
C ALA A 197 -8.54 2.42 -10.50
N SER A 198 -8.63 2.72 -11.79
CA SER A 198 -9.79 3.43 -12.32
C SER A 198 -11.07 2.62 -12.09
N GLN A 199 -11.00 1.32 -12.29
CA GLN A 199 -12.16 0.44 -12.04
C GLN A 199 -12.68 0.52 -10.60
N ILE A 200 -11.76 0.48 -9.64
CA ILE A 200 -12.14 0.65 -8.24
C ILE A 200 -12.72 2.06 -8.00
N SER A 201 -12.13 3.07 -8.65
CA SER A 201 -12.56 4.46 -8.46
C SER A 201 -13.95 4.70 -9.04
N ASN A 202 -14.37 3.80 -9.93
CA ASN A 202 -15.71 3.91 -10.52
C ASN A 202 -16.79 3.08 -9.85
N ASN A 203 -16.40 2.30 -8.85
CA ASN A 203 -17.39 1.64 -7.99
C ASN A 203 -17.96 2.69 -7.04
N ALA A 204 -19.12 2.40 -6.45
CA ALA A 204 -19.76 3.36 -5.54
C ALA A 204 -18.83 3.73 -4.40
N PRO A 205 -18.54 5.04 -4.24
CA PRO A 205 -17.44 5.42 -3.37
C PRO A 205 -17.66 5.12 -1.89
N GLU A 206 -18.87 5.34 -1.39
CA GLU A 206 -19.13 5.03 0.02
C GLU A 206 -19.11 3.52 0.25
N ALA A 207 -19.71 2.78 -0.68
CA ALA A 207 -19.74 1.32 -0.60
C ALA A 207 -18.32 0.72 -0.58
N VAL A 208 -17.42 1.28 -1.39
CA VAL A 208 -16.02 0.83 -1.44
C VAL A 208 -15.35 1.06 -0.09
N LYS A 209 -15.49 2.28 0.44
CA LYS A 209 -14.91 2.58 1.75
C LYS A 209 -15.53 1.76 2.88
N ASN A 210 -16.85 1.60 2.84
CA ASN A 210 -17.54 0.80 3.84
C ASN A 210 -17.11 -0.67 3.77
N SER A 211 -16.85 -1.18 2.57
CA SER A 211 -16.43 -2.57 2.39
C SER A 211 -15.03 -2.81 2.95
N LYS A 212 -14.16 -1.80 2.80
CA LYS A 212 -12.85 -1.87 3.42
C LYS A 212 -12.99 -1.93 4.94
N GLN A 213 -13.81 -1.04 5.49
CA GLN A 213 -14.04 -0.99 6.93
C GLN A 213 -14.64 -2.31 7.46
N LEU A 214 -15.58 -2.86 6.69
CA LEU A 214 -16.25 -4.12 6.99
C LEU A 214 -15.28 -5.30 7.09
N ALA A 215 -14.42 -5.45 6.07
CA ALA A 215 -13.43 -6.54 6.07
C ALA A 215 -12.53 -6.43 7.29
N GLN A 216 -12.07 -5.21 7.58
CA GLN A 216 -11.23 -4.96 8.72
C GLN A 216 -11.92 -5.29 10.04
N TYR A 217 -13.21 -4.98 10.13
CA TYR A 217 -13.99 -5.16 11.35
C TYR A 217 -14.27 -6.63 11.65
N VAL A 218 -14.70 -7.37 10.64
CA VAL A 218 -15.08 -8.75 10.88
C VAL A 218 -13.88 -9.67 11.13
N ALA A 219 -12.72 -9.27 10.60
CA ALA A 219 -11.52 -10.10 10.73
C ALA A 219 -11.25 -10.49 12.18
N ASN A 220 -11.01 -11.79 12.40
CA ASN A 220 -10.68 -12.32 13.72
C ASN A 220 -11.74 -12.10 14.82
N LYS A 221 -12.98 -11.80 14.43
CA LYS A 221 -14.09 -11.77 15.39
C LYS A 221 -14.82 -13.12 15.36
N LYS A 222 -15.33 -13.53 16.52
CA LYS A 222 -16.11 -14.75 16.62
C LYS A 222 -17.37 -14.62 15.77
N ILE A 223 -17.67 -15.64 14.97
CA ILE A 223 -18.88 -15.63 14.15
C ILE A 223 -20.04 -16.18 14.98
N ASP A 224 -20.65 -15.28 15.73
CA ASP A 224 -21.78 -15.62 16.59
C ASP A 224 -23.03 -14.84 16.21
N GLU A 225 -24.11 -15.03 16.96
CA GLU A 225 -25.38 -14.40 16.63
C GLU A 225 -25.29 -12.87 16.68
N GLU A 226 -24.52 -12.34 17.63
CA GLU A 226 -24.24 -10.90 17.68
C GLU A 226 -23.67 -10.37 16.36
N LEU A 227 -22.67 -11.05 15.82
CA LEU A 227 -22.03 -10.62 14.58
C LEU A 227 -22.98 -10.74 13.39
N VAL A 228 -23.75 -11.83 13.36
CA VAL A 228 -24.75 -12.03 12.29
C VAL A 228 -25.74 -10.84 12.26
N ARG A 229 -26.28 -10.50 13.43
CA ARG A 229 -27.22 -9.38 13.54
CA ARG A 229 -27.23 -9.38 13.54
C ARG A 229 -26.58 -8.07 13.13
N TYR A 230 -25.33 -7.85 13.56
CA TYR A 230 -24.60 -6.64 13.19
C TYR A 230 -24.48 -6.54 11.66
N THR A 231 -24.07 -7.64 11.01
CA THR A 231 -23.88 -7.60 9.56
C THR A 231 -25.21 -7.36 8.84
N ALA A 232 -26.28 -7.97 9.32
CA ALA A 232 -27.60 -7.78 8.71
C ALA A 232 -28.08 -6.35 8.83
N SER A 233 -27.83 -5.72 9.98
CA SER A 233 -28.20 -4.31 10.17
C SER A 233 -27.36 -3.39 9.28
N LEU A 234 -26.11 -3.77 9.04
CA LEU A 234 -25.23 -2.95 8.21
C LEU A 234 -25.72 -2.88 6.77
N ILE A 235 -26.08 -4.04 6.19
CA ILE A 235 -26.61 -4.03 4.82
C ILE A 235 -28.01 -3.41 4.76
N ALA A 236 -28.82 -3.63 5.80
CA ALA A 236 -30.15 -3.00 5.84
C ALA A 236 -30.04 -1.47 5.75
N HIS A 237 -29.08 -0.92 6.49
CA HIS A 237 -28.82 0.52 6.49
C HIS A 237 -28.29 0.98 5.13
N LYS A 238 -27.38 0.19 4.52
CA LYS A 238 -26.83 0.56 3.23
C LYS A 238 -27.86 0.51 2.09
N ARG A 239 -28.80 -0.43 2.17
CA ARG A 239 -29.80 -0.56 1.13
C ARG A 239 -30.71 0.66 1.04
N VAL A 240 -30.94 1.32 2.17
CA VAL A 240 -31.83 2.51 2.19
C VAL A 240 -31.04 3.82 2.10
N SER A 241 -29.71 3.73 2.12
CA SER A 241 -28.86 4.91 1.93
C SER A 241 -29.10 5.54 0.55
N ASP A 242 -28.80 6.83 0.41
CA ASP A 242 -28.93 7.46 -0.90
C ASP A 242 -28.13 6.74 -1.97
N GLU A 243 -26.90 6.35 -1.65
CA GLU A 243 -26.04 5.67 -2.61
C GLU A 243 -26.56 4.27 -3.00
N GLY A 244 -27.04 3.52 -2.01
CA GLY A 244 -27.59 2.18 -2.26
C GLY A 244 -28.85 2.28 -3.12
N GLN A 245 -29.70 3.24 -2.80
CA GLN A 245 -30.91 3.45 -3.59
C GLN A 245 -30.60 3.86 -5.03
N GLU A 246 -29.61 4.73 -5.20
CA GLU A 246 -29.15 5.13 -6.52
C GLU A 246 -28.60 3.95 -7.29
N GLY A 247 -27.79 3.12 -6.62
CA GLY A 247 -27.18 1.99 -7.27
C GLY A 247 -28.19 0.98 -7.74
N LEU A 248 -29.20 0.74 -6.90
CA LEU A 248 -30.26 -0.21 -7.23
C LEU A 248 -31.12 0.31 -8.37
N LYS A 249 -31.48 1.59 -8.31
CA LYS A 249 -32.28 2.22 -9.35
C LYS A 249 -31.55 2.15 -10.70
N ALA A 250 -30.27 2.52 -10.70
CA ALA A 250 -29.45 2.50 -11.91
C ALA A 250 -29.37 1.09 -12.50
N PHE A 251 -29.15 0.10 -11.63
CA PHE A 251 -29.07 -1.29 -12.09
C PHE A 251 -30.39 -1.79 -12.69
N LEU A 252 -31.49 -1.50 -11.99
CA LEU A 252 -32.81 -1.98 -12.43
C LEU A 252 -33.29 -1.26 -13.70
N ASN A 253 -32.85 -0.02 -13.88
CA ASN A 253 -33.23 0.79 -15.05
C ASN A 253 -32.21 0.73 -16.19
N LYS A 254 -31.09 0.04 -15.93
CA LYS A 254 -29.95 -0.03 -16.86
C LYS A 254 -29.43 1.37 -17.23
N GLU A 255 -29.19 2.18 -16.20
CA GLU A 255 -28.68 3.54 -16.35
C GLU A 255 -27.37 3.69 -15.59
N ILE A 256 -26.62 4.74 -15.91
CA ILE A 256 -25.34 5.00 -15.24
C ILE A 256 -25.57 5.62 -13.87
N PRO A 257 -25.00 5.00 -12.81
CA PRO A 257 -25.14 5.57 -11.46
C PRO A 257 -24.48 6.94 -11.32
N ASN A 258 -25.04 7.79 -10.45
CA ASN A 258 -24.62 9.20 -10.37
C ASN A 258 -23.24 9.46 -9.78
N TRP A 259 -22.64 8.45 -9.17
CA TRP A 259 -21.29 8.59 -8.64
C TRP A 259 -20.23 8.56 -9.73
N ASN A 260 -20.65 8.17 -10.95
CA ASN A 260 -19.80 8.25 -12.13
C ASN A 260 -20.25 9.34 -13.11
#